data_7WH4
#
_entry.id   7WH4
#
_cell.length_a   30.491
_cell.length_b   47.899
_cell.length_c   129.878
_cell.angle_alpha   90.000
_cell.angle_beta   90.000
_cell.angle_gamma   90.000
#
_symmetry.space_group_name_H-M   'P 21 21 21'
#
loop_
_entity.id
_entity.type
_entity.pdbx_description
1 polymer 'Transcriptional regulator Rv3488'
2 non-polymer 'MANGANESE (II) ION'
3 water water
#
_entity_poly.entity_id   1
_entity_poly.type   'polypeptide(L)'
_entity_poly.pdbx_seq_one_letter_code
;AMDPEFMREFQRAAVRLHILHHAADNEVHGAWLTQELSRHGYRVSPGTLYPTLHRLEADGLLVSEQRVVDGRARRVYRAT
PAGRAALTEDRRALEELAREVLGGQSHTAGNGT
;
_entity_poly.pdbx_strand_id   A,B
#
loop_
_chem_comp.id
_chem_comp.type
_chem_comp.name
_chem_comp.formula
MN non-polymer 'MANGANESE (II) ION' 'Mn 2'
#
# COMPACT_ATOMS: atom_id res chain seq x y z
N MET A 2 9.41 9.45 8.26
CA MET A 2 8.21 10.13 8.85
C MET A 2 7.28 9.07 9.45
N ASP A 3 7.00 8.03 8.64
CA ASP A 3 6.25 6.87 9.06
C ASP A 3 6.90 5.63 8.43
N PRO A 4 7.88 5.01 9.10
CA PRO A 4 8.64 3.89 8.51
C PRO A 4 7.90 2.55 8.39
N GLU A 5 6.85 2.34 9.20
CA GLU A 5 6.06 1.12 9.13
C GLU A 5 5.32 1.08 7.80
N PHE A 6 4.69 2.21 7.44
CA PHE A 6 3.99 2.37 6.18
C PHE A 6 4.97 2.28 5.01
N MET A 7 6.08 3.03 5.11
CA MET A 7 7.03 3.13 4.01
C MET A 7 7.65 1.77 3.71
N ARG A 8 7.77 0.91 4.74
CA ARG A 8 8.31 -0.43 4.57
C ARG A 8 7.38 -1.29 3.72
N GLU A 9 6.07 -1.21 4.01
CA GLU A 9 5.06 -1.94 3.25
C GLU A 9 4.87 -1.28 1.89
N PHE A 10 4.82 0.05 1.85
CA PHE A 10 4.65 0.83 0.62
C PHE A 10 5.67 0.41 -0.44
N GLN A 11 6.93 0.20 0.01
CA GLN A 11 8.02 -0.16 -0.88
C GLN A 11 7.68 -1.43 -1.67
N ARG A 12 7.05 -2.40 -1.01
CA ARG A 12 6.71 -3.68 -1.61
C ARG A 12 5.62 -3.50 -2.67
N ALA A 13 4.63 -2.66 -2.35
CA ALA A 13 3.56 -2.34 -3.28
C ALA A 13 4.11 -1.65 -4.53
N ALA A 14 4.97 -0.66 -4.31
CA ALA A 14 5.52 0.18 -5.38
C ALA A 14 6.26 -0.68 -6.38
N VAL A 15 7.12 -1.58 -5.87
CA VAL A 15 7.89 -2.50 -6.69
C VAL A 15 6.92 -3.33 -7.54
N ARG A 16 5.94 -3.93 -6.87
CA ARG A 16 4.96 -4.81 -7.49
C ARG A 16 4.27 -4.10 -8.65
N LEU A 17 3.87 -2.85 -8.43
CA LEU A 17 3.13 -2.11 -9.45
C LEU A 17 4.05 -1.66 -10.59
N HIS A 18 5.32 -1.38 -10.26
CA HIS A 18 6.28 -0.94 -11.27
C HIS A 18 6.58 -2.06 -12.25
N ILE A 19 6.67 -3.28 -11.72
CA ILE A 19 6.92 -4.46 -12.54
C ILE A 19 5.77 -4.59 -13.54
N LEU A 20 4.52 -4.55 -13.05
CA LEU A 20 3.34 -4.72 -13.87
C LEU A 20 3.28 -3.63 -14.92
N HIS A 21 3.65 -2.40 -14.51
CA HIS A 21 3.65 -1.25 -15.39
C HIS A 21 4.61 -1.48 -16.55
N HIS A 22 5.84 -1.91 -16.22
CA HIS A 22 6.88 -2.11 -17.21
C HIS A 22 6.58 -3.32 -18.09
N ALA A 23 6.08 -4.39 -17.45
CA ALA A 23 5.83 -5.66 -18.11
C ALA A 23 4.54 -5.58 -18.92
N ALA A 24 3.75 -4.53 -18.66
CA ALA A 24 2.54 -4.24 -19.43
C ALA A 24 2.94 -3.62 -20.76
N ASP A 25 3.88 -2.67 -20.70
CA ASP A 25 4.30 -1.90 -21.86
C ASP A 25 5.01 -2.80 -22.88
N ASN A 26 5.78 -3.79 -22.38
CA ASN A 26 6.61 -4.62 -23.23
C ASN A 26 7.07 -5.88 -22.49
N GLU A 27 7.78 -6.76 -23.19
CA GLU A 27 8.42 -7.95 -22.62
C GLU A 27 9.70 -7.52 -21.91
N VAL A 28 9.97 -8.09 -20.72
CA VAL A 28 11.05 -7.61 -19.88
C VAL A 28 11.94 -8.79 -19.42
N HIS A 29 13.25 -8.53 -19.41
CA HIS A 29 14.25 -9.39 -18.78
C HIS A 29 14.39 -8.93 -17.33
N GLY A 30 14.75 -9.87 -16.44
CA GLY A 30 14.92 -9.57 -15.02
C GLY A 30 15.97 -8.49 -14.78
N ALA A 31 17.09 -8.58 -15.52
CA ALA A 31 18.20 -7.67 -15.40
C ALA A 31 17.76 -6.23 -15.67
N TRP A 32 16.91 -6.06 -16.71
CA TRP A 32 16.43 -4.76 -17.14
C TRP A 32 15.44 -4.18 -16.13
N LEU A 33 14.60 -5.05 -15.55
CA LEU A 33 13.65 -4.66 -14.52
C LEU A 33 14.41 -4.03 -13.35
N THR A 34 15.54 -4.65 -12.98
CA THR A 34 16.36 -4.20 -11.87
C THR A 34 16.86 -2.78 -12.14
N GLN A 35 17.30 -2.50 -13.37
CA GLN A 35 17.85 -1.21 -13.72
C GLN A 35 16.75 -0.15 -13.77
N GLU A 36 15.59 -0.52 -14.35
CA GLU A 36 14.48 0.42 -14.50
C GLU A 36 13.93 0.81 -13.12
N LEU A 37 13.89 -0.16 -12.20
CA LEU A 37 13.39 0.02 -10.84
C LEU A 37 14.31 0.97 -10.06
N SER A 38 15.63 0.74 -10.19
CA SER A 38 16.65 1.57 -9.57
C SER A 38 16.45 3.02 -10.03
N ARG A 39 16.28 3.20 -11.35
CA ARG A 39 16.10 4.49 -11.98
C ARG A 39 14.91 5.23 -11.35
N HIS A 40 13.90 4.46 -10.91
CA HIS A 40 12.69 5.01 -10.32
C HIS A 40 12.83 5.16 -8.80
N GLY A 41 14.00 4.81 -8.27
CA GLY A 41 14.31 5.00 -6.86
C GLY A 41 13.78 3.87 -5.98
N TYR A 42 13.86 2.64 -6.51
CA TYR A 42 13.53 1.43 -5.74
C TYR A 42 14.68 0.44 -5.93
N ARG A 43 15.51 0.28 -4.88
CA ARG A 43 16.64 -0.62 -4.92
C ARG A 43 16.14 -2.04 -4.68
N VAL A 44 16.25 -2.89 -5.71
CA VAL A 44 15.80 -4.28 -5.67
C VAL A 44 16.94 -5.18 -6.11
N SER A 45 17.28 -6.17 -5.26
CA SER A 45 18.30 -7.16 -5.56
C SER A 45 17.63 -8.47 -5.99
N PRO A 46 18.30 -9.33 -6.79
CA PRO A 46 17.71 -10.57 -7.29
C PRO A 46 16.99 -11.46 -6.27
N GLY A 47 17.45 -11.44 -5.02
CA GLY A 47 16.89 -12.28 -3.97
C GLY A 47 15.43 -11.92 -3.64
N THR A 48 15.04 -10.70 -4.08
CA THR A 48 13.71 -10.15 -3.91
C THR A 48 12.91 -10.27 -5.20
N LEU A 49 13.59 -9.99 -6.33
CA LEU A 49 12.95 -9.75 -7.61
C LEU A 49 12.27 -11.03 -8.11
N TYR A 50 13.07 -12.10 -8.25
CA TYR A 50 12.59 -13.35 -8.83
C TYR A 50 11.40 -13.89 -8.03
N PRO A 51 11.49 -13.97 -6.69
CA PRO A 51 10.32 -14.26 -5.86
C PRO A 51 9.08 -13.44 -6.25
N THR A 52 9.19 -12.11 -6.24
CA THR A 52 8.09 -11.22 -6.59
C THR A 52 7.53 -11.60 -7.97
N LEU A 53 8.46 -11.77 -8.93
CA LEU A 53 8.12 -12.15 -10.28
C LEU A 53 7.35 -13.48 -10.28
N HIS A 54 7.88 -14.48 -9.56
CA HIS A 54 7.28 -15.79 -9.49
C HIS A 54 5.88 -15.72 -8.89
N ARG A 55 5.74 -14.94 -7.80
CA ARG A 55 4.46 -14.76 -7.12
C ARG A 55 3.46 -14.13 -8.10
N LEU A 56 3.94 -13.10 -8.82
CA LEU A 56 3.12 -12.38 -9.78
C LEU A 56 2.59 -13.32 -10.85
N GLU A 57 3.42 -14.29 -11.28
CA GLU A 57 3.04 -15.30 -12.26
C GLU A 57 1.98 -16.22 -11.69
N ALA A 58 2.21 -16.68 -10.45
CA ALA A 58 1.31 -17.59 -9.75
C ALA A 58 -0.07 -16.96 -9.62
N ASP A 59 -0.10 -15.66 -9.30
CA ASP A 59 -1.33 -14.88 -9.21
C ASP A 59 -1.91 -14.64 -10.60
N GLY A 60 -1.19 -15.09 -11.64
CA GLY A 60 -1.65 -15.04 -13.01
C GLY A 60 -1.67 -13.62 -13.60
N LEU A 61 -0.74 -12.77 -13.14
CA LEU A 61 -0.66 -11.38 -13.58
C LEU A 61 0.57 -11.18 -14.48
N LEU A 62 1.57 -12.06 -14.32
CA LEU A 62 2.71 -12.15 -15.21
C LEU A 62 2.71 -13.53 -15.86
N VAL A 63 3.25 -13.61 -17.08
CA VAL A 63 3.57 -14.86 -17.74
C VAL A 63 5.04 -14.77 -18.17
N SER A 64 5.78 -15.88 -18.02
CA SER A 64 7.19 -15.92 -18.40
C SER A 64 7.42 -16.94 -19.51
N GLU A 65 8.47 -16.69 -20.31
CA GLU A 65 8.81 -17.49 -21.48
C GLU A 65 10.32 -17.69 -21.51
N GLN A 66 10.77 -18.93 -21.71
CA GLN A 66 12.16 -19.17 -22.06
C GLN A 66 12.25 -19.13 -23.59
N ARG A 67 13.25 -18.40 -24.11
CA ARG A 67 13.46 -18.37 -25.55
C ARG A 67 14.94 -18.08 -25.87
N VAL A 68 15.41 -18.68 -26.97
CA VAL A 68 16.77 -18.54 -27.46
C VAL A 68 16.78 -17.42 -28.51
N VAL A 69 17.52 -16.35 -28.20
CA VAL A 69 17.61 -15.18 -29.08
C VAL A 69 19.09 -14.84 -29.26
N ASP A 70 19.55 -14.79 -30.52
CA ASP A 70 20.91 -14.39 -30.83
C ASP A 70 21.91 -15.29 -30.11
N GLY A 71 21.58 -16.60 -30.06
CA GLY A 71 22.43 -17.64 -29.51
C GLY A 71 22.50 -17.61 -27.98
N ARG A 72 21.56 -16.88 -27.35
CA ARG A 72 21.58 -16.59 -25.92
C ARG A 72 20.20 -16.89 -25.35
N ALA A 73 20.13 -17.89 -24.45
CA ALA A 73 18.87 -18.39 -23.89
C ALA A 73 18.50 -17.55 -22.67
N ARG A 74 17.29 -16.96 -22.71
CA ARG A 74 16.87 -15.99 -21.70
C ARG A 74 15.38 -16.18 -21.38
N ARG A 75 14.97 -15.74 -20.19
CA ARG A 75 13.58 -15.74 -19.79
C ARG A 75 13.04 -14.31 -19.83
N VAL A 76 11.87 -14.15 -20.45
CA VAL A 76 11.21 -12.85 -20.54
C VAL A 76 9.89 -12.95 -19.77
N TYR A 77 9.45 -11.80 -19.24
CA TYR A 77 8.17 -11.69 -18.54
C TYR A 77 7.36 -10.61 -19.24
N ARG A 78 6.04 -10.83 -19.35
CA ARG A 78 5.14 -9.78 -19.81
C ARG A 78 3.85 -9.90 -19.00
N ALA A 79 3.16 -8.76 -18.84
CA ALA A 79 1.89 -8.71 -18.13
C ALA A 79 0.83 -9.42 -18.98
N THR A 80 0.07 -10.30 -18.32
CA THR A 80 -1.14 -10.90 -18.85
C THR A 80 -2.21 -9.80 -18.95
N PRO A 81 -3.35 -10.05 -19.62
CA PRO A 81 -4.47 -9.11 -19.60
C PRO A 81 -4.98 -8.85 -18.18
N ALA A 82 -4.90 -9.87 -17.32
CA ALA A 82 -5.27 -9.76 -15.92
C ALA A 82 -4.30 -8.84 -15.18
N GLY A 83 -3.02 -8.89 -15.58
CA GLY A 83 -2.00 -7.99 -15.07
C GLY A 83 -2.28 -6.53 -15.46
N ARG A 84 -2.68 -6.32 -16.73
CA ARG A 84 -3.05 -5.01 -17.24
C ARG A 84 -4.25 -4.46 -16.47
N ALA A 85 -5.23 -5.34 -16.19
CA ALA A 85 -6.43 -4.96 -15.45
C ALA A 85 -6.04 -4.54 -14.03
N ALA A 86 -5.28 -5.43 -13.37
CA ALA A 86 -4.83 -5.25 -12.00
C ALA A 86 -4.13 -3.91 -11.85
N LEU A 87 -3.20 -3.60 -12.76
CA LEU A 87 -2.47 -2.35 -12.69
C LEU A 87 -3.44 -1.17 -12.65
N THR A 88 -4.43 -1.16 -13.55
CA THR A 88 -5.37 -0.06 -13.65
C THR A 88 -6.19 0.04 -12.36
N GLU A 89 -6.80 -1.09 -11.96
CA GLU A 89 -7.63 -1.14 -10.77
C GLU A 89 -6.84 -0.67 -9.55
N ASP A 90 -5.59 -1.15 -9.44
CA ASP A 90 -4.69 -0.83 -8.34
C ASP A 90 -4.35 0.66 -8.34
N ARG A 91 -3.96 1.20 -9.51
CA ARG A 91 -3.60 2.61 -9.64
C ARG A 91 -4.78 3.46 -9.16
N ARG A 92 -5.99 3.14 -9.63
CA ARG A 92 -7.20 3.86 -9.32
C ARG A 92 -7.47 3.85 -7.82
N ALA A 93 -7.26 2.68 -7.19
CA ALA A 93 -7.48 2.48 -5.76
C ALA A 93 -6.59 3.42 -4.94
N LEU A 94 -5.33 3.56 -5.38
CA LEU A 94 -4.35 4.44 -4.74
C LEU A 94 -4.85 5.88 -4.83
N GLU A 95 -5.36 6.26 -6.02
CA GLU A 95 -5.85 7.59 -6.30
C GLU A 95 -7.02 7.93 -5.38
N GLU A 96 -7.97 6.99 -5.22
CA GLU A 96 -9.17 7.23 -4.44
CA GLU A 96 -9.17 7.23 -4.44
C GLU A 96 -8.82 7.38 -2.97
N LEU A 97 -7.83 6.61 -2.49
CA LEU A 97 -7.41 6.69 -1.10
C LEU A 97 -6.80 8.06 -0.81
N ALA A 98 -5.80 8.46 -1.62
CA ALA A 98 -5.11 9.73 -1.44
C ALA A 98 -6.10 10.89 -1.43
N ARG A 99 -7.11 10.85 -2.31
CA ARG A 99 -8.09 11.92 -2.47
C ARG A 99 -9.03 11.96 -1.27
N GLU A 100 -9.37 10.78 -0.71
CA GLU A 100 -10.39 10.71 0.34
C GLU A 100 -9.80 10.89 1.74
N VAL A 101 -8.51 11.24 1.82
CA VAL A 101 -7.86 11.60 3.08
C VAL A 101 -7.07 12.90 2.92
N LEU A 102 -7.55 13.81 2.05
CA LEU A 102 -6.84 15.04 1.74
C LEU A 102 -6.88 15.98 2.96
N MET B 2 -8.84 -6.99 -10.94
CA MET B 2 -8.81 -7.35 -9.49
C MET B 2 -7.53 -8.15 -9.18
N ASP B 3 -6.91 -7.83 -8.04
CA ASP B 3 -5.62 -8.35 -7.62
C ASP B 3 -5.65 -8.46 -6.09
N PRO B 4 -5.76 -9.68 -5.51
CA PRO B 4 -5.96 -9.83 -4.07
C PRO B 4 -4.77 -9.54 -3.15
N GLU B 5 -3.53 -9.69 -3.65
CA GLU B 5 -2.36 -9.44 -2.81
C GLU B 5 -2.26 -7.94 -2.53
N PHE B 6 -2.46 -7.15 -3.59
CA PHE B 6 -2.49 -5.70 -3.49
C PHE B 6 -3.64 -5.25 -2.58
N MET B 7 -4.85 -5.75 -2.85
CA MET B 7 -6.04 -5.31 -2.13
C MET B 7 -5.92 -5.66 -0.64
N ARG B 8 -5.24 -6.76 -0.31
CA ARG B 8 -5.08 -7.18 1.07
C ARG B 8 -4.10 -6.25 1.78
N GLU B 9 -3.02 -5.83 1.10
CA GLU B 9 -2.08 -4.87 1.65
C GLU B 9 -2.72 -3.48 1.67
N PHE B 10 -3.40 -3.11 0.58
CA PHE B 10 -4.06 -1.81 0.43
C PHE B 10 -5.02 -1.57 1.60
N GLN B 11 -5.74 -2.63 2.02
CA GLN B 11 -6.71 -2.56 3.10
C GLN B 11 -6.05 -2.01 4.37
N ARG B 12 -4.82 -2.47 4.64
CA ARG B 12 -4.10 -2.11 5.85
C ARG B 12 -3.69 -0.64 5.79
N ALA B 13 -3.24 -0.19 4.61
CA ALA B 13 -2.88 1.20 4.37
C ALA B 13 -4.10 2.10 4.57
N ALA B 14 -5.23 1.74 3.94
CA ALA B 14 -6.44 2.55 3.92
C ALA B 14 -6.93 2.80 5.34
N VAL B 15 -7.00 1.71 6.14
CA VAL B 15 -7.42 1.78 7.53
C VAL B 15 -6.51 2.76 8.25
N ARG B 16 -5.21 2.50 8.12
CA ARG B 16 -4.17 3.23 8.83
C ARG B 16 -4.29 4.72 8.54
N LEU B 17 -4.52 5.08 7.28
CA LEU B 17 -4.53 6.49 6.90
C LEU B 17 -5.85 7.13 7.30
N HIS B 18 -6.94 6.34 7.27
CA HIS B 18 -8.25 6.85 7.66
C HIS B 18 -8.26 7.16 9.16
N ILE B 19 -7.61 6.32 9.97
CA ILE B 19 -7.51 6.54 11.41
C ILE B 19 -6.83 7.90 11.65
N LEU B 20 -5.66 8.09 11.04
CA LEU B 20 -4.86 9.29 11.24
C LEU B 20 -5.66 10.52 10.77
N HIS B 21 -6.36 10.35 9.64
CA HIS B 21 -7.16 11.42 9.07
C HIS B 21 -8.27 11.83 10.06
N HIS B 22 -8.97 10.83 10.60
CA HIS B 22 -10.09 11.07 11.50
C HIS B 22 -9.60 11.58 12.85
N ALA B 23 -8.47 11.05 13.32
CA ALA B 23 -7.92 11.40 14.62
C ALA B 23 -7.24 12.78 14.55
N ALA B 24 -6.99 13.26 13.33
CA ALA B 24 -6.51 14.61 13.10
C ALA B 24 -7.66 15.61 13.26
N ASP B 25 -8.82 15.28 12.67
CA ASP B 25 -9.99 16.13 12.64
C ASP B 25 -10.53 16.37 14.04
N ASN B 26 -10.47 15.33 14.89
CA ASN B 26 -11.16 15.31 16.18
C ASN B 26 -10.64 14.16 17.02
N GLU B 27 -11.10 14.10 18.28
CA GLU B 27 -10.83 12.98 19.19
C GLU B 27 -11.75 11.82 18.83
N VAL B 28 -11.21 10.60 18.86
CA VAL B 28 -11.93 9.43 18.35
C VAL B 28 -11.89 8.28 19.35
N HIS B 29 -13.03 7.59 19.48
CA HIS B 29 -13.17 6.31 20.16
C HIS B 29 -13.06 5.19 19.13
N GLY B 30 -12.52 4.04 19.57
CA GLY B 30 -12.35 2.89 18.71
C GLY B 30 -13.68 2.37 18.15
N ALA B 31 -14.73 2.40 18.98
CA ALA B 31 -16.04 1.89 18.60
C ALA B 31 -16.57 2.64 17.38
N TRP B 32 -16.39 3.98 17.42
CA TRP B 32 -16.84 4.87 16.36
C TRP B 32 -16.01 4.67 15.09
N LEU B 33 -14.71 4.43 15.27
CA LEU B 33 -13.80 4.27 14.14
C LEU B 33 -14.24 3.08 13.31
N THR B 34 -14.72 2.02 13.99
CA THR B 34 -15.22 0.82 13.33
C THR B 34 -16.34 1.17 12.34
N GLN B 35 -17.29 1.99 12.82
CA GLN B 35 -18.49 2.33 12.07
C GLN B 35 -18.12 3.32 10.95
N GLU B 36 -17.25 4.29 11.26
CA GLU B 36 -16.84 5.32 10.32
C GLU B 36 -16.14 4.68 9.13
N LEU B 37 -15.29 3.66 9.41
CA LEU B 37 -14.51 2.96 8.40
C LEU B 37 -15.42 2.15 7.49
N SER B 38 -16.41 1.46 8.06
CA SER B 38 -17.42 0.73 7.30
C SER B 38 -18.11 1.69 6.33
N ARG B 39 -18.53 2.84 6.84
CA ARG B 39 -19.22 3.88 6.10
C ARG B 39 -18.37 4.37 4.92
N HIS B 40 -17.04 4.20 5.00
CA HIS B 40 -16.12 4.59 3.94
C HIS B 40 -15.78 3.41 3.03
N GLY B 41 -16.21 2.19 3.41
CA GLY B 41 -16.08 1.01 2.58
C GLY B 41 -14.90 0.12 2.95
N TYR B 42 -14.60 0.04 4.26
CA TYR B 42 -13.47 -0.74 4.76
C TYR B 42 -13.91 -1.62 5.93
N ARG B 43 -13.93 -2.94 5.71
CA ARG B 43 -14.36 -3.91 6.72
C ARG B 43 -13.22 -4.14 7.72
N VAL B 44 -13.43 -3.67 8.96
CA VAL B 44 -12.48 -3.83 10.04
C VAL B 44 -13.24 -4.27 11.29
N SER B 45 -12.88 -5.45 11.82
CA SER B 45 -13.41 -5.91 13.10
C SER B 45 -12.33 -5.75 14.16
N PRO B 46 -12.68 -5.26 15.39
CA PRO B 46 -11.72 -5.19 16.51
C PRO B 46 -10.95 -6.49 16.71
N GLY B 47 -9.63 -6.37 16.91
CA GLY B 47 -8.72 -7.48 16.72
C GLY B 47 -7.71 -7.18 15.62
N THR B 48 -8.07 -6.22 14.75
CA THR B 48 -7.13 -5.48 13.92
C THR B 48 -7.05 -4.05 14.44
N LEU B 49 -8.21 -3.46 14.78
CA LEU B 49 -8.33 -2.03 15.03
C LEU B 49 -7.56 -1.61 16.27
N TYR B 50 -7.92 -2.17 17.43
CA TYR B 50 -7.32 -1.76 18.69
C TYR B 50 -5.81 -2.00 18.66
N PRO B 51 -5.33 -3.18 18.21
CA PRO B 51 -3.92 -3.38 17.92
C PRO B 51 -3.29 -2.24 17.12
N THR B 52 -3.84 -1.94 15.93
CA THR B 52 -3.23 -0.92 15.08
C THR B 52 -3.27 0.43 15.80
N LEU B 53 -4.36 0.71 16.53
CA LEU B 53 -4.46 1.91 17.35
C LEU B 53 -3.31 1.96 18.36
N HIS B 54 -3.09 0.84 19.07
CA HIS B 54 -2.04 0.76 20.07
C HIS B 54 -0.67 0.95 19.43
N ARG B 55 -0.45 0.29 18.28
CA ARG B 55 0.78 0.39 17.51
C ARG B 55 1.01 1.86 17.11
N LEU B 56 -0.05 2.51 16.62
CA LEU B 56 0.00 3.89 16.16
C LEU B 56 0.46 4.80 17.29
N GLU B 57 0.00 4.53 18.53
CA GLU B 57 0.42 5.33 19.67
C GLU B 57 1.89 5.06 20.01
N ALA B 58 2.28 3.78 19.98
CA ALA B 58 3.65 3.37 20.26
C ALA B 58 4.61 4.05 19.29
N ASP B 59 4.23 4.10 18.01
CA ASP B 59 4.97 4.75 16.96
C ASP B 59 4.89 6.27 17.10
N GLY B 60 4.13 6.73 18.11
CA GLY B 60 4.05 8.13 18.47
C GLY B 60 3.31 8.98 17.43
N LEU B 61 2.32 8.39 16.75
CA LEU B 61 1.54 9.08 15.73
C LEU B 61 0.14 9.37 16.25
N LEU B 62 -0.30 8.55 17.22
CA LEU B 62 -1.51 8.80 18.01
C LEU B 62 -1.11 9.02 19.46
N VAL B 63 -1.88 9.84 20.17
CA VAL B 63 -1.79 9.97 21.62
C VAL B 63 -3.18 9.70 22.17
N SER B 64 -3.24 9.00 23.31
CA SER B 64 -4.51 8.55 23.87
C SER B 64 -4.72 9.18 25.25
N GLU B 65 -6.00 9.30 25.62
CA GLU B 65 -6.43 9.77 26.92
C GLU B 65 -7.42 8.74 27.47
N GLN B 66 -7.18 8.29 28.71
CA GLN B 66 -8.17 7.57 29.49
C GLN B 66 -9.04 8.62 30.17
N ARG B 67 -10.36 8.46 30.09
CA ARG B 67 -11.25 9.58 30.35
C ARG B 67 -12.59 9.03 30.83
N VAL B 68 -13.09 9.56 31.97
CA VAL B 68 -14.40 9.16 32.47
C VAL B 68 -15.41 10.21 32.04
N VAL B 69 -16.35 9.82 31.17
CA VAL B 69 -17.34 10.71 30.60
C VAL B 69 -18.71 10.04 30.74
N ASP B 70 -19.66 10.75 31.37
CA ASP B 70 -21.03 10.29 31.51
C ASP B 70 -21.04 8.92 32.19
N GLY B 71 -20.20 8.79 33.22
CA GLY B 71 -20.13 7.61 34.08
C GLY B 71 -19.48 6.41 33.40
N ARG B 72 -18.72 6.67 32.33
CA ARG B 72 -18.14 5.65 31.46
C ARG B 72 -16.64 5.89 31.29
N ALA B 73 -15.83 4.86 31.56
CA ALA B 73 -14.39 4.91 31.33
C ALA B 73 -14.07 4.49 29.90
N ARG B 74 -13.41 5.38 29.14
CA ARG B 74 -13.20 5.21 27.71
C ARG B 74 -11.82 5.78 27.35
N ARG B 75 -11.23 5.26 26.27
CA ARG B 75 -9.98 5.78 25.74
C ARG B 75 -10.27 6.53 24.44
N VAL B 76 -9.76 7.77 24.33
CA VAL B 76 -9.88 8.55 23.11
C VAL B 76 -8.49 8.72 22.52
N TYR B 77 -8.44 8.84 21.18
CA TYR B 77 -7.20 9.05 20.45
C TYR B 77 -7.30 10.33 19.64
N ARG B 78 -6.17 11.04 19.52
CA ARG B 78 -6.03 12.16 18.61
C ARG B 78 -4.65 12.08 17.97
N ALA B 79 -4.53 12.61 16.75
CA ALA B 79 -3.27 12.62 16.02
C ALA B 79 -2.28 13.58 16.70
N THR B 80 -1.05 13.09 16.92
CA THR B 80 0.07 13.94 17.31
C THR B 80 0.48 14.76 16.08
N PRO B 81 1.34 15.80 16.23
CA PRO B 81 1.90 16.49 15.07
C PRO B 81 2.70 15.57 14.14
N ALA B 82 3.34 14.56 14.72
CA ALA B 82 4.07 13.54 13.98
C ALA B 82 3.10 12.71 13.15
N GLY B 83 1.91 12.47 13.71
CA GLY B 83 0.84 11.78 13.02
C GLY B 83 0.32 12.58 11.83
N ARG B 84 0.18 13.90 12.03
CA ARG B 84 -0.26 14.82 10.98
C ARG B 84 0.76 14.83 9.85
N ALA B 85 2.04 14.79 10.20
CA ALA B 85 3.13 14.77 9.23
C ALA B 85 3.04 13.48 8.41
N ALA B 86 2.99 12.35 9.13
CA ALA B 86 2.91 11.00 8.55
C ALA B 86 1.78 10.92 7.53
N LEU B 87 0.58 11.39 7.92
CA LEU B 87 -0.57 11.37 7.03
C LEU B 87 -0.23 12.04 5.70
N THR B 88 0.36 13.25 5.75
CA THR B 88 0.61 14.01 4.54
C THR B 88 1.69 13.33 3.70
N GLU B 89 2.80 12.92 4.34
CA GLU B 89 3.88 12.21 3.67
C GLU B 89 3.33 10.98 2.96
N ASP B 90 2.47 10.23 3.67
CA ASP B 90 1.91 8.98 3.20
C ASP B 90 0.96 9.25 2.02
N ARG B 91 0.08 10.24 2.16
CA ARG B 91 -0.85 10.64 1.11
C ARG B 91 -0.08 10.95 -0.17
N ARG B 92 0.97 11.77 -0.03
CA ARG B 92 1.83 12.21 -1.13
C ARG B 92 2.46 11.00 -1.82
N ALA B 93 2.93 10.02 -1.04
CA ALA B 93 3.59 8.83 -1.55
C ALA B 93 2.64 8.05 -2.46
N LEU B 94 1.37 7.97 -2.06
CA LEU B 94 0.34 7.30 -2.85
C LEU B 94 0.15 8.03 -4.17
N GLU B 95 0.13 9.38 -4.11
CA GLU B 95 -0.07 10.24 -5.27
C GLU B 95 1.05 10.04 -6.29
N GLU B 96 2.30 10.01 -5.79
CA GLU B 96 3.49 9.84 -6.62
C GLU B 96 3.46 8.47 -7.31
N LEU B 97 3.02 7.43 -6.59
CA LEU B 97 3.06 6.07 -7.14
C LEU B 97 2.04 5.96 -8.27
N ALA B 98 0.80 6.40 -8.01
CA ALA B 98 -0.29 6.34 -8.98
C ALA B 98 0.11 7.02 -10.29
N ARG B 99 0.77 8.18 -10.20
CA ARG B 99 1.17 8.98 -11.35
C ARG B 99 2.32 8.30 -12.10
N GLU B 100 3.23 7.68 -11.32
CA GLU B 100 4.43 7.01 -11.82
C GLU B 100 4.03 5.92 -12.82
N VAL B 101 2.97 5.16 -12.50
CA VAL B 101 2.55 4.04 -13.32
C VAL B 101 1.42 4.47 -14.25
N LEU B 102 1.71 5.49 -15.07
CA LEU B 102 0.78 6.10 -16.01
C LEU B 102 -0.37 6.77 -15.24
MN MN C . 10.70 3.38 -16.87
MN MN D . -15.51 10.20 7.83
#